data_9KZA
#
_entry.id   9KZA
#
_cell.length_a   58.660
_cell.length_b   41.980
_cell.length_c   74.640
_cell.angle_alpha   90.00
_cell.angle_beta   97.40
_cell.angle_gamma   90.00
#
_symmetry.space_group_name_H-M   'P 1 21 1'
#
loop_
_entity.id
_entity.type
_entity.pdbx_description
1 polymer 'tRNA-uridine aminocarboxypropyltransferase'
2 non-polymer SINEFUNGIN
3 non-polymer 'ZINC ION'
4 non-polymer 'SULFATE ION'
5 water water
#
_entity_poly.entity_id   1
_entity_poly.type   'polypeptide(L)'
_entity_poly.pdbx_seq_one_letter_code
;RRCQRCLLPEKLCLCSTITPAQAKSRFCLLMFDTEPMKPSNTGRLIADILPDTVAFQWSRTEPSQDLLDLVQNPYYQPMV
VFPASYADEQREVIFTPPAGKPPLFIMLDGTWPEARKMFRKSPYLDNLPVISVDLSRLSAYRLREAQAEGQYCTAEVAIA
LLDMAGDTGAAAGLGEHFTRFKTRYLAGKTQ
;
_entity_poly.pdbx_strand_id   A,B
#
# COMPACT_ATOMS: atom_id res chain seq x y z
N ARG A 1 12.36 20.57 -10.65
CA ARG A 1 11.58 21.78 -10.39
C ARG A 1 11.09 21.82 -8.96
N ARG A 2 10.94 20.65 -8.33
CA ARG A 2 10.49 20.53 -6.96
C ARG A 2 11.68 20.19 -6.07
N CYS A 3 11.75 20.82 -4.91
CA CYS A 3 12.81 20.50 -3.97
C CYS A 3 12.67 19.04 -3.54
N GLN A 4 13.78 18.33 -3.48
CA GLN A 4 13.69 16.94 -3.08
C GLN A 4 13.58 16.78 -1.56
N ARG A 5 13.95 17.81 -0.79
CA ARG A 5 13.82 17.74 0.66
C ARG A 5 12.44 18.18 1.13
N CYS A 6 11.96 19.33 0.68
CA CYS A 6 10.71 19.86 1.19
C CYS A 6 9.54 19.68 0.22
N LEU A 7 9.78 19.15 -0.98
CA LEU A 7 8.75 18.71 -1.93
C LEU A 7 7.92 19.85 -2.51
N LEU A 8 8.29 21.09 -2.30
CA LEU A 8 7.64 22.23 -2.91
C LEU A 8 8.39 22.65 -4.16
N PRO A 9 7.75 23.41 -5.07
CA PRO A 9 8.50 24.00 -6.20
C PRO A 9 9.75 24.71 -5.70
N GLU A 10 10.78 24.77 -6.57
CA GLU A 10 12.10 25.18 -6.11
C GLU A 10 12.13 26.65 -5.66
N LYS A 11 11.39 27.51 -6.36
CA LYS A 11 11.33 28.89 -5.91
C LYS A 11 10.61 29.03 -4.56
N LEU A 12 9.88 28.00 -4.12
CA LEU A 12 9.16 28.03 -2.86
C LEU A 12 9.83 27.18 -1.77
N CYS A 13 11.06 26.74 -2.01
CA CYS A 13 11.77 25.87 -1.07
C CYS A 13 11.85 26.50 0.32
N LEU A 14 11.46 25.73 1.34
CA LEU A 14 11.44 26.23 2.70
C LEU A 14 12.59 25.72 3.55
N CYS A 15 13.53 24.97 2.97
CA CYS A 15 14.51 24.28 3.79
C CYS A 15 15.29 25.24 4.69
N SER A 16 15.57 26.46 4.18
CA SER A 16 16.35 27.39 4.98
C SER A 16 15.59 27.91 6.20
N THR A 17 14.26 27.82 6.21
CA THR A 17 13.48 28.28 7.35
C THR A 17 13.45 27.31 8.52
N ILE A 18 13.89 26.07 8.35
CA ILE A 18 13.55 25.02 9.31
C ILE A 18 14.40 25.18 10.57
N THR A 19 13.74 25.36 11.71
CA THR A 19 14.43 25.41 13.00
C THR A 19 13.88 24.28 13.86
N PRO A 20 14.62 23.19 14.03
CA PRO A 20 14.09 22.07 14.79
C PRO A 20 13.91 22.46 16.23
N ALA A 21 13.02 21.74 16.91
CA ALA A 21 12.78 22.01 18.32
C ALA A 21 13.07 20.74 19.10
N GLN A 22 12.78 20.79 20.39
CA GLN A 22 12.94 19.65 21.26
C GLN A 22 11.65 19.44 22.03
N ALA A 23 11.45 18.20 22.48
CA ALA A 23 10.22 17.80 23.12
C ALA A 23 10.51 16.57 23.96
N LYS A 24 9.74 16.41 25.03
CA LYS A 24 9.79 15.17 25.79
C LYS A 24 9.14 14.03 25.00
N SER A 25 8.10 14.36 24.23
CA SER A 25 7.38 13.39 23.42
C SER A 25 8.26 12.90 22.28
N ARG A 26 7.94 11.71 21.78
CA ARG A 26 8.59 11.19 20.58
C ARG A 26 7.54 10.58 19.67
N PHE A 27 7.78 10.71 18.36
CA PHE A 27 6.90 10.18 17.33
C PHE A 27 7.55 9.03 16.60
N CYS A 28 6.71 8.09 16.15
CA CYS A 28 7.11 7.00 15.29
C CYS A 28 6.14 6.96 14.14
N LEU A 29 6.65 7.11 12.91
CA LEU A 29 5.81 7.19 11.72
C LEU A 29 5.80 5.82 11.04
N LEU A 30 4.62 5.22 10.95
CA LEU A 30 4.42 4.00 10.16
C LEU A 30 3.88 4.47 8.83
N MET A 31 4.74 4.48 7.80
CA MET A 31 4.39 5.03 6.50
C MET A 31 3.92 3.93 5.55
N PHE A 32 2.73 4.12 4.99
CA PHE A 32 2.21 3.19 3.98
C PHE A 32 3.04 3.25 2.71
N ASP A 33 3.55 4.44 2.34
CA ASP A 33 4.33 4.63 1.12
C ASP A 33 5.54 5.51 1.41
N THR A 34 6.73 4.93 1.31
CA THR A 34 7.96 5.69 1.51
C THR A 34 8.62 6.00 0.18
N PRO A 36 7.01 6.64 -3.08
CA PRO A 36 8.01 7.66 -2.72
C PRO A 36 7.49 8.58 -1.63
N MET A 37 7.95 9.84 -1.62
CA MET A 37 7.53 10.80 -0.62
C MET A 37 6.53 11.76 -1.26
N LYS A 38 5.32 11.83 -0.67
CA LYS A 38 4.24 12.65 -1.22
C LYS A 38 4.12 13.95 -0.47
N PRO A 39 3.99 15.08 -1.16
CA PRO A 39 3.78 16.35 -0.45
C PRO A 39 2.52 16.36 0.40
N SER A 40 1.48 15.66 -0.03
CA SER A 40 0.22 15.65 0.71
C SER A 40 0.31 14.89 2.03
N ASN A 41 1.34 14.05 2.21
CA ASN A 41 1.53 13.37 3.49
C ASN A 41 2.36 14.26 4.40
N THR A 42 1.81 14.58 5.57
CA THR A 42 2.34 15.61 6.45
C THR A 42 3.09 15.04 7.65
N GLY A 43 3.10 13.72 7.83
CA GLY A 43 3.92 13.12 8.86
C GLY A 43 5.39 13.52 8.76
N ARG A 44 5.87 13.74 7.53
CA ARG A 44 7.27 14.14 7.37
C ARG A 44 7.55 15.50 7.98
N LEU A 45 6.54 16.37 8.08
CA LEU A 45 6.80 17.66 8.70
C LEU A 45 7.14 17.51 10.17
N ILE A 46 6.58 16.48 10.82
CA ILE A 46 6.93 16.23 12.22
C ILE A 46 8.43 16.04 12.36
N ALA A 47 9.01 15.24 11.47
CA ALA A 47 10.43 14.91 11.52
C ALA A 47 11.32 16.11 11.26
N ASP A 48 10.86 17.09 10.47
CA ASP A 48 11.62 18.33 10.29
C ASP A 48 11.80 19.07 11.61
N ILE A 49 10.73 19.16 12.40
CA ILE A 49 10.77 19.92 13.65
C ILE A 49 11.36 19.07 14.78
N LEU A 50 11.14 17.77 14.76
CA LEU A 50 11.65 16.85 15.79
C LEU A 50 12.46 15.76 15.08
N PRO A 51 13.75 16.00 14.83
CA PRO A 51 14.53 15.05 14.02
C PRO A 51 14.77 13.71 14.68
N ASP A 52 14.38 13.51 15.94
CA ASP A 52 14.46 12.17 16.54
C ASP A 52 13.24 11.33 16.22
N THR A 53 12.33 11.86 15.39
CA THR A 53 11.22 11.07 14.89
C THR A 53 11.72 9.84 14.15
N VAL A 54 11.19 8.67 14.52
CA VAL A 54 11.55 7.42 13.85
C VAL A 54 10.50 7.19 12.76
N ALA A 55 10.93 6.71 11.62
CA ALA A 55 10.01 6.46 10.50
C ALA A 55 10.30 5.09 9.90
N PHE A 56 9.24 4.34 9.59
CA PHE A 56 9.36 3.05 8.93
C PHE A 56 8.39 2.95 7.77
N GLN A 57 8.79 2.17 6.77
CA GLN A 57 7.87 1.66 5.77
C GLN A 57 7.00 0.57 6.39
N TRP A 58 5.68 0.70 6.26
CA TRP A 58 4.77 -0.26 6.89
C TRP A 58 4.66 -1.53 6.06
N SER A 59 4.58 -2.67 6.74
CA SER A 59 4.47 -3.96 6.07
C SER A 59 3.32 -4.75 6.69
N ARG A 60 2.59 -5.48 5.85
CA ARG A 60 1.43 -6.22 6.35
C ARG A 60 1.85 -7.48 7.08
N THR A 61 2.93 -8.12 6.63
CA THR A 61 3.28 -9.45 7.11
C THR A 61 4.70 -9.60 7.67
N GLU A 62 5.58 -8.64 7.45
CA GLU A 62 6.97 -8.77 7.90
C GLU A 62 7.44 -7.46 8.54
N PRO A 63 6.85 -7.10 9.68
CA PRO A 63 7.24 -5.84 10.34
C PRO A 63 8.71 -5.86 10.77
N SER A 64 9.34 -4.69 10.66
CA SER A 64 10.76 -4.57 10.99
C SER A 64 11.03 -4.96 12.44
N GLN A 65 12.14 -5.67 12.66
CA GLN A 65 12.53 -5.98 14.04
C GLN A 65 12.86 -4.72 14.83
N ASP A 66 13.41 -3.71 14.16
CA ASP A 66 13.70 -2.44 14.82
C ASP A 66 12.43 -1.74 15.26
N LEU A 67 11.36 -1.87 14.47
CA LEU A 67 10.07 -1.34 14.87
C LEU A 67 9.53 -2.11 16.06
N LEU A 68 9.61 -3.44 16.01
CA LEU A 68 9.17 -4.23 17.15
C LEU A 68 9.97 -3.88 18.40
N ASP A 69 11.29 -3.74 18.25
CA ASP A 69 12.11 -3.38 19.40
C ASP A 69 11.70 -2.03 19.98
N LEU A 70 11.40 -1.07 19.11
CA LEU A 70 11.05 0.28 19.57
C LEU A 70 9.73 0.29 20.34
N VAL A 71 8.70 -0.37 19.78
CA VAL A 71 7.41 -0.34 20.47
C VAL A 71 7.43 -1.23 21.70
N GLN A 72 8.40 -2.14 21.82
CA GLN A 72 8.51 -2.97 23.00
C GLN A 72 9.54 -2.46 24.01
N ASN A 73 10.16 -1.31 23.75
CA ASN A 73 11.12 -0.71 24.68
C ASN A 73 10.38 -0.16 25.90
N PRO A 74 10.54 -0.74 27.09
CA PRO A 74 9.79 -0.26 28.25
C PRO A 74 10.19 1.15 28.70
N TYR A 75 11.22 1.74 28.09
CA TYR A 75 11.56 3.13 28.32
C TYR A 75 10.39 4.06 27.98
N TYR A 76 9.68 3.78 26.89
CA TYR A 76 8.55 4.61 26.47
C TYR A 76 7.23 4.05 26.95
N GLN A 77 6.22 4.92 26.92
CA GLN A 77 4.83 4.48 26.90
C GLN A 77 4.30 4.60 25.48
N PRO A 78 4.18 3.51 24.73
CA PRO A 78 3.72 3.63 23.34
C PRO A 78 2.22 3.67 23.27
N MET A 79 1.73 4.38 22.26
CA MET A 79 0.30 4.46 22.05
C MET A 79 0.03 4.71 20.58
N VAL A 80 -1.06 4.15 20.10
CA VAL A 80 -1.43 4.23 18.70
C VAL A 80 -2.36 5.44 18.54
N VAL A 81 -1.98 6.36 17.66
CA VAL A 81 -2.73 7.60 17.46
C VAL A 81 -3.80 7.34 16.40
N PHE A 82 -5.06 7.33 16.83
CA PHE A 82 -6.18 7.05 15.94
C PHE A 82 -7.46 7.45 16.65
N PRO A 83 -8.50 7.86 15.91
CA PRO A 83 -9.75 8.29 16.55
C PRO A 83 -10.36 7.19 17.41
N ALA A 84 -10.84 7.59 18.59
CA ALA A 84 -11.29 6.63 19.59
C ALA A 84 -12.42 5.74 19.09
N SER A 85 -13.30 6.26 18.23
CA SER A 85 -14.43 5.47 17.75
C SER A 85 -14.02 4.18 17.05
N TYR A 86 -12.79 4.10 16.51
CA TYR A 86 -12.38 2.90 15.82
C TYR A 86 -11.91 1.78 16.76
N ALA A 87 -11.53 2.12 17.99
CA ALA A 87 -10.99 1.13 18.91
C ALA A 87 -12.06 0.16 19.40
N ASP A 88 -11.67 -1.11 19.53
CA ASP A 88 -12.56 -2.16 20.03
C ASP A 88 -13.05 -1.84 21.44
N GLU A 89 -14.17 -2.46 21.82
CA GLU A 89 -14.71 -2.26 23.16
C GLU A 89 -13.74 -2.76 24.22
N GLN A 90 -12.88 -3.71 23.88
CA GLN A 90 -11.85 -4.19 24.78
C GLN A 90 -10.54 -3.42 24.67
N ARG A 91 -10.36 -2.64 23.62
CA ARG A 91 -9.17 -1.81 23.46
C ARG A 91 -9.13 -0.71 24.52
N GLU A 92 -8.00 -0.56 25.18
CA GLU A 92 -7.83 0.57 26.09
C GLU A 92 -7.69 1.85 25.28
N VAL A 93 -8.56 2.83 25.55
CA VAL A 93 -8.51 4.17 24.96
C VAL A 93 -8.17 5.14 26.08
N ILE A 94 -7.23 6.04 25.83
CA ILE A 94 -6.86 7.07 26.78
C ILE A 94 -7.09 8.43 26.13
N PHE A 95 -7.17 9.48 26.97
CA PHE A 95 -7.48 10.83 26.53
C PHE A 95 -6.40 11.84 26.87
N THR A 96 -5.32 11.42 27.53
CA THR A 96 -4.13 12.21 27.75
C THR A 96 -2.96 11.24 27.60
N PRO A 97 -1.76 11.75 27.34
CA PRO A 97 -0.59 10.87 27.47
C PRO A 97 -0.45 10.42 28.91
N PRO A 98 -0.11 9.17 29.15
CA PRO A 98 0.06 8.72 30.54
C PRO A 98 1.20 9.46 31.20
N ALA A 99 1.16 9.47 32.52
CA ALA A 99 2.13 10.23 33.31
C ALA A 99 3.38 9.39 33.53
N GLY A 100 4.52 10.09 33.59
CA GLY A 100 5.76 9.44 33.95
C GLY A 100 6.66 9.19 32.76
N LYS A 101 6.60 7.97 32.21
CA LYS A 101 7.49 7.62 31.10
C LYS A 101 7.18 8.48 29.89
N PRO A 102 8.19 8.84 29.10
CA PRO A 102 7.96 9.68 27.93
C PRO A 102 7.10 8.96 26.90
N PRO A 103 6.16 9.66 26.29
CA PRO A 103 5.24 9.02 25.35
C PRO A 103 5.89 8.75 23.99
N LEU A 104 5.52 7.62 23.38
CA LEU A 104 5.90 7.35 22.00
C LEU A 104 4.62 7.30 21.19
N PHE A 105 4.39 8.36 20.41
CA PHE A 105 3.17 8.53 19.63
C PHE A 105 3.35 7.83 18.28
N ILE A 106 2.62 6.73 18.08
CA ILE A 106 2.71 5.94 16.85
C ILE A 106 1.64 6.45 15.90
N MET A 107 2.06 7.15 14.83
CA MET A 107 1.19 7.73 13.82
C MET A 107 1.11 6.80 12.61
N LEU A 108 -0.10 6.63 12.09
CA LEU A 108 -0.34 5.92 10.85
C LEU A 108 -0.42 6.96 9.74
N ASP A 109 0.65 7.09 8.96
CA ASP A 109 0.86 8.18 8.00
C ASP A 109 0.53 7.70 6.59
N GLY A 110 -0.51 8.28 6.01
CA GLY A 110 -1.02 7.93 4.69
C GLY A 110 -2.37 8.59 4.48
N THR A 111 -3.24 7.89 3.76
CA THR A 111 -4.63 8.30 3.66
C THR A 111 -5.45 7.59 4.74
N TRP A 112 -6.74 7.95 4.83
CA TRP A 112 -7.64 7.27 5.76
C TRP A 112 -7.71 5.76 5.49
N PRO A 113 -8.12 5.31 4.30
CA PRO A 113 -8.18 3.85 4.09
C PRO A 113 -6.85 3.16 4.30
N GLU A 114 -5.75 3.87 4.04
CA GLU A 114 -4.44 3.35 4.39
C GLU A 114 -4.23 3.33 5.91
N ALA A 115 -4.49 4.47 6.56
CA ALA A 115 -4.44 4.52 8.03
C ALA A 115 -5.31 3.44 8.65
N ARG A 116 -6.56 3.31 8.17
CA ARG A 116 -7.48 2.32 8.70
C ARG A 116 -6.96 0.90 8.47
N LYS A 117 -6.43 0.62 7.28
CA LYS A 117 -5.82 -0.68 7.06
C LYS A 117 -4.65 -0.91 8.01
N MET A 118 -3.81 0.10 8.19
CA MET A 118 -2.71 -0.05 9.14
C MET A 118 -3.23 -0.27 10.55
N PHE A 119 -4.30 0.42 10.92
CA PHE A 119 -4.84 0.26 12.28
C PHE A 119 -5.30 -1.18 12.52
N ARG A 120 -5.85 -1.84 11.49
CA ARG A 120 -6.47 -3.15 11.67
C ARG A 120 -5.53 -4.33 11.41
N LYS A 121 -4.47 -4.17 10.61
CA LYS A 121 -3.64 -5.33 10.30
C LYS A 121 -2.21 -5.19 10.82
N SER A 122 -2.06 -4.85 12.10
CA SER A 122 -0.75 -4.68 12.73
C SER A 122 -0.82 -5.25 14.14
N PRO A 123 -0.77 -6.57 14.28
CA PRO A 123 -1.03 -7.18 15.60
C PRO A 123 -0.01 -6.80 16.66
N TYR A 124 1.19 -6.37 16.26
CA TYR A 124 2.20 -5.88 17.19
C TYR A 124 1.81 -4.55 17.83
N LEU A 125 0.77 -3.89 17.32
CA LEU A 125 0.21 -2.69 17.93
C LEU A 125 -1.03 -2.96 18.77
N ASP A 126 -1.61 -4.16 18.71
CA ASP A 126 -2.93 -4.39 19.27
C ASP A 126 -2.93 -4.34 20.79
N ASN A 127 -1.83 -4.66 21.43
CA ASN A 127 -1.81 -4.59 22.88
C ASN A 127 -1.49 -3.20 23.41
N LEU A 128 -1.43 -2.22 22.54
CA LEU A 128 -1.06 -0.87 22.93
C LEU A 128 -2.31 -0.04 23.12
N PRO A 129 -2.28 0.95 24.01
CA PRO A 129 -3.43 1.84 24.13
C PRO A 129 -3.56 2.72 22.91
N VAL A 130 -4.81 3.06 22.58
CA VAL A 130 -5.12 4.09 21.61
C VAL A 130 -5.29 5.41 22.36
N ILE A 131 -4.67 6.47 21.85
CA ILE A 131 -4.95 7.80 22.36
C ILE A 131 -5.89 8.53 21.41
N SER A 132 -6.96 9.10 21.97
CA SER A 132 -7.87 9.94 21.23
C SER A 132 -7.42 11.39 21.40
N VAL A 133 -7.10 12.02 20.30
CA VAL A 133 -6.46 13.34 20.32
C VAL A 133 -7.52 14.41 20.53
N ASP A 134 -7.19 15.40 21.38
CA ASP A 134 -8.06 16.54 21.66
C ASP A 134 -7.73 17.65 20.66
N LEU A 135 -8.43 17.64 19.52
CA LEU A 135 -8.11 18.56 18.44
C LEU A 135 -8.51 20.00 18.72
N SER A 136 -9.34 20.23 19.76
CA SER A 136 -9.72 21.60 20.12
C SER A 136 -8.51 22.40 20.55
N ARG A 137 -7.44 21.74 20.97
CA ARG A 137 -6.23 22.45 21.38
C ARG A 137 -5.58 23.21 20.23
N LEU A 138 -5.91 22.87 18.99
CA LEU A 138 -5.35 23.61 17.87
C LEU A 138 -5.70 25.09 17.92
N SER A 139 -6.80 25.44 18.59
CA SER A 139 -7.21 26.85 18.70
C SER A 139 -6.13 27.71 19.33
N ALA A 140 -5.40 27.17 20.30
CA ALA A 140 -4.34 27.95 20.94
C ALA A 140 -3.14 28.18 20.02
N TYR A 141 -3.11 27.54 18.85
CA TYR A 141 -2.05 27.73 17.88
C TYR A 141 -2.56 28.39 16.60
N ARG A 142 -3.76 28.96 16.66
CA ARG A 142 -4.38 29.68 15.54
C ARG A 142 -4.51 28.80 14.32
N LEU A 143 -4.80 27.52 14.55
CA LEU A 143 -5.14 26.57 13.52
C LEU A 143 -6.57 26.09 13.77
N ARG A 144 -7.23 25.64 12.70
CA ARG A 144 -8.67 25.34 12.73
C ARG A 144 -8.94 24.20 13.70
N GLU A 145 -9.49 24.53 14.87
CA GLU A 145 -9.87 23.54 15.89
C GLU A 145 -10.62 22.36 15.28
N TYR A 152 -8.40 16.71 9.49
CA TYR A 152 -7.11 17.16 10.04
C TYR A 152 -5.93 16.42 9.47
N CYS A 153 -4.87 17.17 9.20
CA CYS A 153 -3.64 16.58 8.71
C CYS A 153 -2.94 15.79 9.81
N THR A 154 -2.09 14.86 9.40
CA THR A 154 -1.32 14.11 10.37
C THR A 154 -0.37 15.03 11.16
N ALA A 155 0.16 16.06 10.50
CA ALA A 155 0.95 17.06 11.23
C ALA A 155 0.09 17.87 12.21
N GLU A 156 -1.19 18.10 11.90
CA GLU A 156 -2.01 18.85 12.84
C GLU A 156 -2.36 18.01 14.05
N VAL A 157 -2.67 16.73 13.83
CA VAL A 157 -2.83 15.80 14.94
C VAL A 157 -1.59 15.80 15.84
N ALA A 158 -0.40 15.84 15.24
CA ALA A 158 0.81 15.81 16.05
C ALA A 158 0.97 17.08 16.86
N ILE A 159 0.62 18.23 16.29
CA ILE A 159 0.65 19.49 17.02
C ILE A 159 -0.20 19.36 18.28
N ALA A 160 -1.42 18.85 18.13
CA ALA A 160 -2.31 18.76 19.29
C ALA A 160 -1.78 17.77 20.31
N LEU A 161 -1.19 16.66 19.85
CA LEU A 161 -0.56 15.70 20.76
C LEU A 161 0.56 16.36 21.55
N LEU A 162 1.43 17.13 20.88
CA LEU A 162 2.53 17.78 21.59
C LEU A 162 1.99 18.75 22.64
N ASP A 163 0.91 19.45 22.33
CA ASP A 163 0.29 20.33 23.31
C ASP A 163 -0.30 19.54 24.47
N MET A 164 -0.94 18.41 24.19
CA MET A 164 -1.46 17.55 25.25
C MET A 164 -0.37 17.10 26.21
N ALA A 165 0.86 16.94 25.73
CA ALA A 165 1.98 16.47 26.53
C ALA A 165 2.76 17.61 27.18
N GLY A 166 2.34 18.85 26.97
CA GLY A 166 3.04 20.01 27.52
C GLY A 166 4.25 20.46 26.72
N ASP A 167 4.46 19.87 25.54
CA ASP A 167 5.56 20.25 24.64
C ASP A 167 5.14 21.40 23.74
N THR A 168 4.81 22.54 24.37
CA THR A 168 4.23 23.65 23.65
C THR A 168 5.23 24.32 22.72
N GLY A 169 6.53 24.29 23.04
CA GLY A 169 7.51 24.88 22.13
C GLY A 169 7.57 24.15 20.81
N ALA A 170 7.58 22.81 20.87
CA ALA A 170 7.56 22.02 19.65
C ALA A 170 6.20 22.08 18.96
N ALA A 171 5.11 22.13 19.73
CA ALA A 171 3.80 22.34 19.09
C ALA A 171 3.79 23.64 18.31
N ALA A 172 4.27 24.72 18.91
CA ALA A 172 4.24 26.01 18.20
C ALA A 172 5.19 26.00 17.00
N GLY A 173 6.35 25.34 17.13
CA GLY A 173 7.27 25.27 16.00
C GLY A 173 6.72 24.43 14.87
N LEU A 174 6.05 23.31 15.19
CA LEU A 174 5.43 22.53 14.14
C LEU A 174 4.25 23.25 13.51
N GLY A 175 3.44 23.96 14.32
CA GLY A 175 2.36 24.74 13.74
C GLY A 175 2.87 25.75 12.72
N GLU A 176 3.91 26.48 13.09
CA GLU A 176 4.45 27.50 12.20
C GLU A 176 5.04 26.86 10.94
N HIS A 177 5.74 25.72 11.10
CA HIS A 177 6.29 24.98 9.96
C HIS A 177 5.19 24.42 9.07
N PHE A 178 4.14 23.89 9.69
CA PHE A 178 3.00 23.37 8.95
C PHE A 178 2.35 24.47 8.12
N THR A 179 2.09 25.61 8.74
CA THR A 179 1.44 26.71 8.04
C THR A 179 2.30 27.20 6.88
N ARG A 180 3.62 27.25 7.09
CA ARG A 180 4.54 27.62 6.02
C ARG A 180 4.45 26.64 4.85
N PHE A 181 4.51 25.33 5.13
CA PHE A 181 4.35 24.38 4.05
C PHE A 181 3.00 24.52 3.37
N LYS A 182 1.92 24.61 4.15
CA LYS A 182 0.60 24.62 3.55
C LYS A 182 0.39 25.87 2.70
N THR A 183 0.88 27.01 3.17
CA THR A 183 0.77 28.24 2.39
C THR A 183 1.59 28.15 1.12
N ARG A 184 2.82 27.67 1.21
CA ARG A 184 3.65 27.55 0.02
C ARG A 184 3.07 26.52 -0.94
N TYR A 185 2.53 25.43 -0.42
CA TYR A 185 1.90 24.41 -1.26
C TYR A 185 0.74 25.00 -2.07
N LEU A 186 -0.19 25.67 -1.38
CA LEU A 186 -1.30 26.33 -2.06
C LEU A 186 -0.79 27.31 -3.12
N ALA A 187 0.19 28.15 -2.77
CA ALA A 187 0.78 29.06 -3.75
C ALA A 187 1.36 28.30 -4.94
N GLY A 188 1.99 27.15 -4.70
CA GLY A 188 2.47 26.34 -5.81
C GLY A 188 1.37 25.96 -6.77
N LYS A 189 0.17 25.71 -6.25
CA LYS A 189 -1.01 25.47 -7.08
C LYS A 189 -1.52 26.74 -7.76
N THR A 190 -0.91 27.89 -7.49
CA THR A 190 -1.30 29.18 -8.09
C THR A 190 -0.15 29.74 -8.94
N ARG B 1 -4.15 14.21 -5.08
CA ARG B 1 -5.34 13.36 -5.00
C ARG B 1 -5.34 12.32 -6.12
N ARG B 2 -5.52 11.05 -5.76
CA ARG B 2 -5.40 9.93 -6.66
C ARG B 2 -6.77 9.47 -7.15
N CYS B 3 -6.79 8.97 -8.39
CA CYS B 3 -7.97 8.31 -8.92
C CYS B 3 -8.20 7.00 -8.15
N GLN B 4 -9.44 6.76 -7.74
CA GLN B 4 -9.72 5.58 -6.93
C GLN B 4 -9.88 4.32 -7.77
N ARG B 5 -10.05 4.45 -9.09
CA ARG B 5 -10.11 3.29 -9.97
C ARG B 5 -8.74 2.91 -10.53
N CYS B 6 -7.99 3.87 -11.07
CA CYS B 6 -6.72 3.56 -11.71
C CYS B 6 -5.52 3.91 -10.84
N LEU B 7 -5.73 4.48 -9.65
CA LEU B 7 -4.71 4.64 -8.62
C LEU B 7 -3.54 5.51 -9.06
N LEU B 8 -3.72 6.37 -10.04
CA LEU B 8 -2.69 7.31 -10.45
C LEU B 8 -3.07 8.71 -9.99
N PRO B 9 -2.11 9.64 -9.92
CA PRO B 9 -2.47 11.05 -9.73
C PRO B 9 -3.63 11.43 -10.64
N GLU B 10 -4.48 12.37 -10.16
CA GLU B 10 -5.69 12.69 -10.89
C GLU B 10 -5.40 13.24 -12.29
N LYS B 11 -4.34 14.04 -12.43
CA LYS B 11 -4.00 14.56 -13.75
C LYS B 11 -3.47 13.46 -14.67
N LEU B 12 -2.99 12.35 -14.10
CA LEU B 12 -2.46 11.24 -14.87
C LEU B 12 -3.48 10.11 -15.06
N CYS B 13 -4.73 10.33 -14.64
CA CYS B 13 -5.76 9.30 -14.69
C CYS B 13 -5.90 8.71 -16.10
N LEU B 14 -5.87 7.39 -16.18
CA LEU B 14 -5.85 6.70 -17.46
C LEU B 14 -7.19 6.08 -17.84
N CYS B 15 -8.23 6.25 -17.01
CA CYS B 15 -9.44 5.45 -17.19
C CYS B 15 -10.01 5.60 -18.59
N SER B 16 -9.98 6.82 -19.13
CA SER B 16 -10.59 7.07 -20.44
C SER B 16 -9.91 6.29 -21.56
N THR B 17 -8.66 5.86 -21.39
CA THR B 17 -7.96 5.13 -22.45
C THR B 17 -8.31 3.66 -22.52
N ILE B 18 -9.01 3.10 -21.54
CA ILE B 18 -9.10 1.65 -21.38
C ILE B 18 -10.03 1.08 -22.43
N THR B 19 -9.51 0.14 -23.23
CA THR B 19 -10.31 -0.53 -24.24
C THR B 19 -10.20 -2.02 -23.97
N PRO B 20 -11.23 -2.64 -23.40
CA PRO B 20 -11.14 -4.07 -23.11
C PRO B 20 -10.97 -4.89 -24.37
N ALA B 21 -10.46 -6.09 -24.19
CA ALA B 21 -10.27 -7.02 -25.28
C ALA B 21 -11.03 -8.30 -24.98
N GLN B 22 -10.85 -9.29 -25.85
CA GLN B 22 -11.43 -10.61 -25.65
C GLN B 22 -10.34 -11.66 -25.84
N ALA B 23 -10.50 -12.77 -25.13
CA ALA B 23 -9.50 -13.82 -25.08
C ALA B 23 -10.20 -15.14 -24.78
N LYS B 24 -9.59 -16.23 -25.25
CA LYS B 24 -10.05 -17.55 -24.87
C LYS B 24 -9.66 -17.86 -23.42
N SER B 25 -8.47 -17.42 -23.02
CA SER B 25 -8.01 -17.63 -21.66
C SER B 25 -8.87 -16.84 -20.67
N ARG B 26 -8.88 -17.31 -19.44
CA ARG B 26 -9.53 -16.58 -18.36
C ARG B 26 -8.59 -16.55 -17.17
N PHE B 27 -8.66 -15.48 -16.38
CA PHE B 27 -7.81 -15.28 -15.21
C PHE B 27 -8.61 -15.26 -13.92
N CYS B 28 -7.97 -15.72 -12.85
CA CYS B 28 -8.55 -15.65 -11.51
C CYS B 28 -7.46 -15.11 -10.59
N LEU B 29 -7.76 -13.98 -9.95
CA LEU B 29 -6.80 -13.31 -9.08
C LEU B 29 -7.11 -13.63 -7.63
N LEU B 30 -6.17 -14.28 -6.96
CA LEU B 30 -6.18 -14.38 -5.50
C LEU B 30 -5.34 -13.22 -5.00
N MET B 31 -5.99 -12.20 -4.47
CA MET B 31 -5.31 -10.98 -4.05
C MET B 31 -5.10 -11.03 -2.55
N PHE B 32 -3.84 -10.90 -2.13
CA PHE B 32 -3.55 -10.81 -0.70
C PHE B 32 -4.35 -9.68 -0.06
N ASP B 33 -4.41 -8.52 -0.72
CA ASP B 33 -5.14 -7.36 -0.24
C ASP B 33 -6.04 -6.83 -1.35
N THR B 34 -7.32 -6.62 -1.03
CA THR B 34 -8.25 -6.09 -2.03
C THR B 34 -8.53 -4.60 -1.84
N PRO B 36 -7.51 -1.63 1.17
CA PRO B 36 -7.32 -0.84 -0.06
C PRO B 36 -6.56 -1.59 -1.15
N MET B 37 -6.51 -0.99 -2.33
CA MET B 37 -5.63 -1.45 -3.40
C MET B 37 -4.36 -0.61 -3.40
N LYS B 38 -3.28 -1.25 -3.82
CA LYS B 38 -2.03 -0.50 -3.96
C LYS B 38 -1.73 -0.27 -5.43
N PRO B 39 -1.20 0.91 -5.79
CA PRO B 39 -0.90 1.15 -7.21
C PRO B 39 0.06 0.14 -7.80
N SER B 40 1.06 -0.28 -7.02
CA SER B 40 2.11 -1.16 -7.51
C SER B 40 1.71 -2.64 -7.55
N ASN B 41 0.45 -2.99 -7.29
CA ASN B 41 -0.05 -4.33 -7.54
C ASN B 41 -0.72 -4.34 -8.91
N THR B 42 -0.22 -5.19 -9.82
CA THR B 42 -0.59 -5.08 -11.22
C THR B 42 -1.63 -6.11 -11.65
N GLY B 43 -2.06 -6.99 -10.76
CA GLY B 43 -3.12 -7.93 -11.12
C GLY B 43 -4.37 -7.24 -11.62
N ARG B 44 -4.67 -6.06 -11.10
CA ARG B 44 -5.89 -5.36 -11.49
C ARG B 44 -5.85 -4.85 -12.92
N LEU B 45 -4.65 -4.68 -13.50
CA LEU B 45 -4.56 -4.27 -14.90
C LEU B 45 -5.11 -5.37 -15.82
N ILE B 46 -4.91 -6.63 -15.45
CA ILE B 46 -5.52 -7.72 -16.19
C ILE B 46 -7.04 -7.52 -16.28
N ALA B 47 -7.67 -7.21 -15.15
CA ALA B 47 -9.12 -7.07 -15.12
C ALA B 47 -9.60 -5.90 -16.00
N ASP B 48 -8.81 -4.84 -16.12
CA ASP B 48 -9.19 -3.73 -17.00
C ASP B 48 -9.31 -4.19 -18.44
N ILE B 49 -8.38 -5.02 -18.89
CA ILE B 49 -8.38 -5.43 -20.29
C ILE B 49 -9.32 -6.61 -20.51
N LEU B 50 -9.43 -7.52 -19.53
CA LEU B 50 -10.27 -8.71 -19.60
C LEU B 50 -11.25 -8.68 -18.43
N PRO B 51 -12.39 -7.96 -18.58
CA PRO B 51 -13.28 -7.73 -17.43
C PRO B 51 -14.00 -8.97 -16.94
N ASP B 52 -13.85 -10.12 -17.62
CA ASP B 52 -14.37 -11.36 -17.05
C ASP B 52 -13.43 -11.98 -16.03
N THR B 53 -12.28 -11.32 -15.78
CA THR B 53 -11.36 -11.75 -14.73
C THR B 53 -12.07 -11.84 -13.38
N VAL B 54 -11.97 -12.99 -12.75
CA VAL B 54 -12.53 -13.18 -11.41
C VAL B 54 -11.47 -12.78 -10.40
N ALA B 55 -11.89 -12.15 -9.31
CA ALA B 55 -10.97 -11.70 -8.27
C ALA B 55 -11.57 -12.03 -6.93
N PHE B 56 -10.74 -12.60 -6.03
CA PHE B 56 -11.13 -12.90 -4.65
C PHE B 56 -10.10 -12.35 -3.70
N GLN B 57 -10.58 -12.02 -2.51
CA GLN B 57 -9.72 -11.80 -1.36
C GLN B 57 -9.17 -13.14 -0.88
N TRP B 58 -7.85 -13.26 -0.81
CA TRP B 58 -7.25 -14.51 -0.36
C TRP B 58 -7.46 -14.71 1.14
N SER B 59 -7.82 -15.93 1.54
CA SER B 59 -7.88 -16.30 2.94
C SER B 59 -7.14 -17.63 3.15
N ARG B 60 -6.38 -17.70 4.24
CA ARG B 60 -5.64 -18.93 4.54
C ARG B 60 -6.57 -20.03 5.02
N THR B 61 -7.52 -19.70 5.90
CA THR B 61 -8.32 -20.70 6.57
C THR B 61 -9.75 -20.81 6.03
N GLU B 62 -10.25 -19.81 5.33
CA GLU B 62 -11.67 -19.75 4.96
C GLU B 62 -11.83 -19.40 3.48
N PRO B 63 -11.40 -20.28 2.57
CA PRO B 63 -11.55 -19.97 1.14
C PRO B 63 -13.02 -19.86 0.76
N SER B 64 -13.33 -18.87 -0.08
CA SER B 64 -14.69 -18.67 -0.53
C SER B 64 -15.21 -19.91 -1.26
N GLN B 65 -16.48 -20.25 -1.05
CA GLN B 65 -17.05 -21.37 -1.79
C GLN B 65 -17.20 -21.05 -3.28
N ASP B 66 -17.34 -19.77 -3.62
CA ASP B 66 -17.35 -19.40 -5.02
C ASP B 66 -15.99 -19.64 -5.67
N LEU B 67 -14.91 -19.44 -4.91
CA LEU B 67 -13.58 -19.74 -5.41
C LEU B 67 -13.38 -21.25 -5.55
N LEU B 68 -13.74 -22.01 -4.52
CA LEU B 68 -13.69 -23.46 -4.62
C LEU B 68 -14.52 -23.96 -5.80
N ASP B 69 -15.74 -23.42 -5.97
CA ASP B 69 -16.58 -23.83 -7.09
C ASP B 69 -15.94 -23.52 -8.44
N LEU B 70 -15.29 -22.36 -8.57
CA LEU B 70 -14.71 -22.02 -9.87
C LEU B 70 -13.58 -22.98 -10.22
N VAL B 71 -12.64 -23.19 -9.29
CA VAL B 71 -11.51 -24.06 -9.58
C VAL B 71 -11.91 -25.52 -9.71
N GLN B 72 -13.08 -25.91 -9.20
CA GLN B 72 -13.59 -27.25 -9.40
C GLN B 72 -14.52 -27.36 -10.61
N ASN B 73 -14.69 -26.28 -11.36
CA ASN B 73 -15.54 -26.33 -12.54
C ASN B 73 -14.80 -27.10 -13.65
N PRO B 74 -15.30 -28.27 -14.03
CA PRO B 74 -14.65 -29.05 -15.10
C PRO B 74 -14.68 -28.37 -16.45
N TYR B 75 -15.42 -27.27 -16.60
CA TYR B 75 -15.44 -26.54 -17.87
C TYR B 75 -14.06 -25.98 -18.21
N TYR B 76 -13.30 -25.57 -17.19
CA TYR B 76 -11.97 -25.01 -17.38
C TYR B 76 -10.89 -26.06 -17.10
N GLN B 77 -9.68 -25.77 -17.58
CA GLN B 77 -8.48 -26.43 -17.09
C GLN B 77 -7.77 -25.48 -16.13
N PRO B 78 -7.93 -25.61 -14.82
CA PRO B 78 -7.31 -24.64 -13.92
C PRO B 78 -5.83 -24.93 -13.72
N MET B 79 -5.07 -23.87 -13.52
CA MET B 79 -3.66 -24.02 -13.25
C MET B 79 -3.17 -22.84 -12.44
N VAL B 80 -2.17 -23.12 -11.61
CA VAL B 80 -1.59 -22.12 -10.74
C VAL B 80 -0.36 -21.55 -11.43
N VAL B 81 -0.30 -20.23 -11.56
CA VAL B 81 0.78 -19.54 -12.25
C VAL B 81 1.87 -19.21 -11.24
N PHE B 82 3.00 -19.94 -11.31
CA PHE B 82 4.07 -19.77 -10.35
C PHE B 82 5.35 -20.33 -10.95
N PRO B 83 6.51 -19.75 -10.60
CA PRO B 83 7.78 -20.29 -11.11
C PRO B 83 7.98 -21.75 -10.75
N ALA B 84 8.34 -22.55 -11.75
CA ALA B 84 8.40 -24.00 -11.61
C ALA B 84 9.39 -24.45 -10.54
N SER B 85 10.42 -23.65 -10.26
CA SER B 85 11.41 -24.09 -9.29
C SER B 85 10.83 -24.29 -7.90
N TYR B 86 9.65 -23.71 -7.61
CA TYR B 86 9.06 -23.79 -6.28
C TYR B 86 8.04 -24.92 -6.14
N ALA B 87 7.72 -25.63 -7.21
CA ALA B 87 6.78 -26.74 -7.12
C ALA B 87 7.41 -27.93 -6.41
N ASP B 88 6.57 -28.75 -5.77
CA ASP B 88 7.04 -30.00 -5.20
C ASP B 88 7.35 -30.99 -6.32
N GLU B 89 8.20 -31.98 -6.01
CA GLU B 89 8.65 -32.92 -7.04
C GLU B 89 7.49 -33.74 -7.59
N GLN B 90 6.46 -33.98 -6.79
CA GLN B 90 5.26 -34.67 -7.25
C GLN B 90 4.23 -33.74 -7.88
N ARG B 91 4.42 -32.42 -7.78
CA ARG B 91 3.54 -31.45 -8.41
C ARG B 91 3.68 -31.52 -9.92
N GLU B 92 2.54 -31.63 -10.62
CA GLU B 92 2.55 -31.57 -12.07
C GLU B 92 2.90 -30.16 -12.51
N VAL B 93 4.06 -30.01 -13.16
CA VAL B 93 4.46 -28.75 -13.77
C VAL B 93 4.26 -28.86 -15.27
N ILE B 94 3.74 -27.80 -15.90
CA ILE B 94 3.61 -27.75 -17.34
C ILE B 94 4.20 -26.45 -17.86
N PHE B 95 4.37 -26.38 -19.18
CA PHE B 95 5.09 -25.32 -19.85
C PHE B 95 4.28 -24.68 -20.98
N THR B 96 3.06 -25.15 -21.21
CA THR B 96 2.12 -24.53 -22.13
C THR B 96 0.74 -24.74 -21.54
N PRO B 97 -0.23 -23.88 -21.86
CA PRO B 97 -1.59 -24.18 -21.45
C PRO B 97 -2.04 -25.45 -22.14
N PRO B 98 -2.71 -26.34 -21.41
CA PRO B 98 -3.18 -27.57 -22.04
C PRO B 98 -4.14 -27.27 -23.18
N ALA B 99 -4.22 -28.21 -24.10
CA ALA B 99 -5.11 -28.08 -25.25
C ALA B 99 -6.51 -28.56 -24.90
N GLY B 100 -7.51 -27.97 -25.55
CA GLY B 100 -8.85 -28.51 -25.48
C GLY B 100 -9.83 -27.66 -24.70
N LYS B 101 -9.74 -27.69 -23.33
CA LYS B 101 -10.63 -26.87 -22.53
C LYS B 101 -10.00 -25.49 -22.26
N PRO B 102 -10.81 -24.45 -22.17
CA PRO B 102 -10.27 -23.10 -21.95
C PRO B 102 -9.46 -23.04 -20.67
N PRO B 103 -8.31 -22.35 -20.70
CA PRO B 103 -7.46 -22.29 -19.50
C PRO B 103 -8.03 -21.33 -18.47
N LEU B 104 -7.86 -21.68 -17.18
CA LEU B 104 -8.17 -20.77 -16.08
C LEU B 104 -6.87 -20.51 -15.33
N PHE B 105 -6.26 -19.36 -15.58
CA PHE B 105 -4.98 -19.01 -14.98
C PHE B 105 -5.20 -18.39 -13.61
N ILE B 106 -4.71 -19.07 -12.56
CA ILE B 106 -4.86 -18.63 -11.19
C ILE B 106 -3.60 -17.86 -10.82
N MET B 107 -3.72 -16.54 -10.68
CA MET B 107 -2.62 -15.68 -10.30
C MET B 107 -2.62 -15.44 -8.80
N LEU B 108 -1.44 -15.45 -8.21
CA LEU B 108 -1.24 -15.06 -6.81
C LEU B 108 -0.78 -13.60 -6.81
N ASP B 109 -1.72 -12.68 -6.61
CA ASP B 109 -1.52 -11.24 -6.81
C ASP B 109 -1.12 -10.56 -5.50
N GLY B 110 0.10 -10.04 -5.46
CA GLY B 110 0.64 -9.37 -4.30
C GLY B 110 2.12 -9.14 -4.52
N THR B 111 2.86 -9.20 -3.42
CA THR B 111 4.31 -9.18 -3.48
C THR B 111 4.86 -10.60 -3.61
N TRP B 112 6.19 -10.71 -3.75
CA TRP B 112 6.79 -12.04 -3.83
C TRP B 112 6.64 -12.83 -2.53
N PRO B 113 6.93 -12.28 -1.34
CA PRO B 113 6.68 -13.06 -0.12
C PRO B 113 5.22 -13.35 0.11
N GLU B 114 4.32 -12.50 -0.37
CA GLU B 114 2.89 -12.79 -0.25
C GLU B 114 2.46 -13.87 -1.24
N ALA B 115 2.96 -13.82 -2.48
CA ALA B 115 2.65 -14.84 -3.46
C ALA B 115 3.16 -16.20 -3.02
N ARG B 116 4.43 -16.26 -2.61
CA ARG B 116 5.01 -17.50 -2.11
C ARG B 116 4.25 -18.05 -0.90
N LYS B 117 3.73 -17.16 -0.04
CA LYS B 117 2.92 -17.61 1.08
C LYS B 117 1.58 -18.17 0.58
N MET B 118 0.93 -17.46 -0.34
CA MET B 118 -0.29 -17.99 -0.94
C MET B 118 -0.03 -19.33 -1.61
N PHE B 119 1.12 -19.47 -2.30
CA PHE B 119 1.41 -20.71 -3.01
C PHE B 119 1.47 -21.88 -2.05
N ARG B 120 2.03 -21.67 -0.86
CA ARG B 120 2.31 -22.76 0.05
C ARG B 120 1.15 -23.09 0.98
N LYS B 121 0.27 -22.14 1.25
CA LYS B 121 -0.77 -22.31 2.27
C LYS B 121 -2.17 -22.24 1.68
N SER B 122 -2.38 -22.86 0.52
CA SER B 122 -3.68 -22.88 -0.15
C SER B 122 -3.99 -24.30 -0.61
N PRO B 123 -4.52 -25.15 0.28
CA PRO B 123 -4.60 -26.59 -0.06
C PRO B 123 -5.55 -26.87 -1.20
N TYR B 124 -6.52 -26.00 -1.44
CA TYR B 124 -7.46 -26.12 -2.56
C TYR B 124 -6.78 -25.97 -3.91
N LEU B 125 -5.53 -25.54 -3.97
CA LEU B 125 -4.82 -25.41 -5.24
C LEU B 125 -3.79 -26.51 -5.45
N ASP B 126 -3.66 -27.45 -4.50
CA ASP B 126 -2.50 -28.35 -4.48
C ASP B 126 -2.62 -29.44 -5.54
N ASN B 127 -3.82 -29.93 -5.79
CA ASN B 127 -3.99 -30.93 -6.84
C ASN B 127 -4.00 -30.31 -8.23
N LEU B 128 -3.74 -28.98 -8.34
CA LEU B 128 -3.78 -28.29 -9.63
C LEU B 128 -2.38 -28.26 -10.24
N PRO B 129 -2.28 -28.37 -11.56
CA PRO B 129 -0.96 -28.20 -12.19
C PRO B 129 -0.46 -26.78 -12.06
N VAL B 130 0.86 -26.65 -11.96
CA VAL B 130 1.54 -25.36 -12.03
C VAL B 130 2.02 -25.15 -13.46
N ILE B 131 1.72 -23.99 -14.04
CA ILE B 131 2.28 -23.63 -15.34
C ILE B 131 3.47 -22.71 -15.14
N SER B 132 4.60 -23.08 -15.74
CA SER B 132 5.82 -22.28 -15.73
C SER B 132 5.81 -21.36 -16.94
N VAL B 133 5.87 -20.06 -16.70
CA VAL B 133 5.60 -19.08 -17.76
C VAL B 133 6.87 -18.78 -18.56
N ASP B 134 6.73 -18.77 -19.88
CA ASP B 134 7.82 -18.47 -20.81
C ASP B 134 7.91 -16.97 -21.01
N LEU B 135 8.64 -16.29 -20.15
CA LEU B 135 8.68 -14.83 -20.18
C LEU B 135 9.48 -14.26 -21.33
N SER B 136 10.20 -15.09 -22.09
CA SER B 136 10.89 -14.61 -23.29
C SER B 136 9.90 -14.12 -24.32
N ARG B 137 8.62 -14.51 -24.18
CA ARG B 137 7.64 -14.10 -25.17
C ARG B 137 7.32 -12.61 -25.09
N LEU B 138 7.66 -11.96 -24.00
CA LEU B 138 7.47 -10.50 -23.89
C LEU B 138 8.19 -9.76 -25.00
N SER B 139 9.21 -10.37 -25.61
CA SER B 139 9.96 -9.71 -26.67
C SER B 139 9.07 -9.39 -27.85
N ALA B 140 8.09 -10.25 -28.13
CA ALA B 140 7.17 -10.00 -29.23
C ALA B 140 6.32 -8.77 -28.99
N TYR B 141 6.23 -8.28 -27.74
CA TYR B 141 5.40 -7.14 -27.37
C TYR B 141 6.25 -5.94 -26.95
N ARG B 142 7.55 -5.98 -27.24
CA ARG B 142 8.47 -4.89 -26.96
C ARG B 142 8.47 -4.53 -25.48
N LEU B 143 8.38 -5.55 -24.63
CA LEU B 143 8.54 -5.48 -23.18
C LEU B 143 9.67 -6.41 -22.76
N ARG B 144 10.03 -6.37 -21.49
CA ARG B 144 11.11 -7.22 -20.99
C ARG B 144 10.92 -7.55 -19.50
N GLN B 151 12.55 -7.58 -11.61
CA GLN B 151 11.82 -8.82 -11.83
C GLN B 151 10.68 -8.61 -12.83
N TYR B 152 9.53 -9.25 -12.59
CA TYR B 152 8.40 -9.24 -13.52
C TYR B 152 7.10 -8.95 -12.79
N CYS B 153 6.33 -8.01 -13.33
CA CYS B 153 5.03 -7.70 -12.78
C CYS B 153 4.03 -8.81 -13.09
N THR B 154 3.07 -8.99 -12.18
CA THR B 154 1.99 -9.92 -12.41
C THR B 154 1.31 -9.68 -13.75
N ALA B 155 1.08 -8.42 -14.11
CA ALA B 155 0.48 -8.10 -15.40
C ALA B 155 1.39 -8.51 -16.56
N GLU B 156 2.71 -8.43 -16.37
CA GLU B 156 3.64 -8.86 -17.41
C GLU B 156 3.60 -10.36 -17.59
N VAL B 157 3.52 -11.10 -16.48
CA VAL B 157 3.37 -12.55 -16.57
C VAL B 157 2.09 -12.91 -17.30
N ALA B 158 1.01 -12.15 -17.08
CA ALA B 158 -0.25 -12.45 -17.75
C ALA B 158 -0.16 -12.24 -19.25
N ILE B 159 0.57 -11.20 -19.69
CA ILE B 159 0.78 -10.97 -21.11
C ILE B 159 1.44 -12.18 -21.74
N ALA B 160 2.46 -12.71 -21.07
CA ALA B 160 3.15 -13.90 -21.57
C ALA B 160 2.21 -15.09 -21.63
N LEU B 161 1.39 -15.28 -20.57
CA LEU B 161 0.41 -16.37 -20.57
C LEU B 161 -0.56 -16.23 -21.74
N LEU B 162 -1.15 -15.03 -21.91
CA LEU B 162 -2.03 -14.79 -23.04
C LEU B 162 -1.37 -15.16 -24.37
N ASP B 163 -0.12 -14.74 -24.56
CA ASP B 163 0.59 -15.08 -25.79
C ASP B 163 0.77 -16.59 -25.93
N MET B 164 1.19 -17.26 -24.85
CA MET B 164 1.31 -18.72 -24.84
C MET B 164 0.02 -19.43 -25.25
N ALA B 165 -1.13 -18.80 -25.03
CA ALA B 165 -2.41 -19.40 -25.36
C ALA B 165 -2.95 -18.95 -26.71
N GLY B 166 -2.18 -18.14 -27.45
CA GLY B 166 -2.66 -17.64 -28.72
C GLY B 166 -3.59 -16.44 -28.65
N ASP B 167 -3.77 -15.85 -27.47
CA ASP B 167 -4.63 -14.68 -27.29
C ASP B 167 -3.81 -13.40 -27.52
N THR B 168 -3.33 -13.25 -28.76
CA THR B 168 -2.36 -12.18 -29.06
C THR B 168 -2.99 -10.80 -28.99
N GLY B 169 -4.29 -10.67 -29.31
CA GLY B 169 -4.97 -9.39 -29.19
C GLY B 169 -5.06 -8.92 -27.74
N ALA B 170 -5.44 -9.81 -26.83
CA ALA B 170 -5.49 -9.40 -25.43
C ALA B 170 -4.08 -9.17 -24.89
N ALA B 171 -3.10 -9.97 -25.32
CA ALA B 171 -1.74 -9.76 -24.83
C ALA B 171 -1.20 -8.41 -25.29
N ALA B 172 -1.46 -8.05 -26.55
CA ALA B 172 -1.03 -6.75 -27.05
C ALA B 172 -1.78 -5.61 -26.35
N GLY B 173 -3.06 -5.82 -26.05
CA GLY B 173 -3.84 -4.76 -25.39
C GLY B 173 -3.43 -4.61 -23.94
N LEU B 174 -3.10 -5.71 -23.28
CA LEU B 174 -2.61 -5.63 -21.92
C LEU B 174 -1.20 -5.05 -21.87
N GLY B 175 -0.35 -5.36 -22.84
CA GLY B 175 0.96 -4.73 -22.89
C GLY B 175 0.85 -3.22 -23.00
N GLU B 176 0.09 -2.75 -23.98
CA GLU B 176 -0.09 -1.32 -24.17
C GLU B 176 -0.64 -0.66 -22.90
N HIS B 177 -1.59 -1.31 -22.24
CA HIS B 177 -2.19 -0.79 -21.00
C HIS B 177 -1.18 -0.76 -19.86
N PHE B 178 -0.41 -1.83 -19.72
CA PHE B 178 0.60 -1.90 -18.67
C PHE B 178 1.67 -0.84 -18.87
N THR B 179 2.06 -0.60 -20.11
CA THR B 179 3.07 0.42 -20.36
C THR B 179 2.53 1.82 -20.08
N ARG B 180 1.25 2.04 -20.40
CA ARG B 180 0.61 3.32 -20.08
C ARG B 180 0.57 3.53 -18.55
N PHE B 181 0.13 2.52 -17.80
CA PHE B 181 0.16 2.64 -16.35
C PHE B 181 1.58 2.85 -15.84
N LYS B 182 2.53 2.06 -16.33
CA LYS B 182 3.87 2.12 -15.77
C LYS B 182 4.53 3.45 -16.07
N THR B 183 4.32 3.98 -17.28
CA THR B 183 4.86 5.29 -17.62
C THR B 183 4.23 6.39 -16.76
N ARG B 184 2.92 6.33 -16.56
CA ARG B 184 2.26 7.38 -15.77
C ARG B 184 2.65 7.27 -14.30
N TYR B 185 2.84 6.04 -13.80
CA TYR B 185 3.26 5.85 -12.42
C TYR B 185 4.66 6.42 -12.17
N LEU B 186 5.59 6.17 -13.09
CA LEU B 186 6.92 6.77 -12.97
C LEU B 186 6.84 8.30 -13.02
N ALA B 187 6.03 8.86 -13.92
CA ALA B 187 5.95 10.30 -14.03
C ALA B 187 5.29 10.92 -12.80
N GLY B 188 4.24 10.29 -12.27
CA GLY B 188 3.67 10.75 -11.02
C GLY B 188 4.67 10.72 -9.88
N LYS B 189 5.69 9.83 -9.98
CA LYS B 189 6.80 9.77 -9.05
C LYS B 189 7.79 10.93 -9.25
N THR B 190 7.69 11.63 -10.38
CA THR B 190 8.57 12.77 -10.68
C THR B 190 7.88 14.09 -10.35
#